data_5Q0W
#
_entry.id   5Q0W
#
_cell.length_a   93.641
_cell.length_b   93.641
_cell.length_c   48.144
_cell.angle_alpha   90.000
_cell.angle_beta   90.000
_cell.angle_gamma   120.000
#
_symmetry.space_group_name_H-M   'P 65'
#
loop_
_entity.id
_entity.type
_entity.pdbx_description
1 polymer 'Bile acid receptor'
2 polymer 'cDNA FLJ76652, highly similar to Homo sapiens nuclear receptor coactivator 1 (NCOA1), transcript variant 2, mRNA'
3 non-polymer "4-({5-bromo-1'-[(2-chlorophenyl)sulfonyl]-2-oxospiro[indole-3,4'-piperidin]-1(2H)-yl}methyl)benzoic acid"
4 water water
#
loop_
_entity_poly.entity_id
_entity_poly.type
_entity_poly.pdbx_seq_one_letter_code
_entity_poly.pdbx_strand_id
1 'polypeptide(L)'
;GSHMELTPDQQTLLHFIMDSYNKQRMPQEITNKILKEAFSAEENFLILTEMATNHVQVLVEFTKKLPGFQTLDHEDQIAL
LKGSAVEAMFLRSAEIFNKKLPSGHSDLLEARIRNSGISDEYITPMFSFYKSIGELKMTQEEYALLTAIVILSPDRQYIK
DREAVEKLQEPLLDVLQKLCKIHQPENPQHFACLLGRLTELRTFNHHHAEMLMSWRVNDHKFTPLLCEIWDVQ
;
A
2 'polypeptide(L)' KDHQLLRYLLDKDE B
#
# COMPACT_ATOMS: atom_id res chain seq x y z
N MET A 4 -0.90 -10.03 -27.46
CA MET A 4 -1.49 -9.01 -28.31
C MET A 4 -2.55 -8.19 -27.57
N GLU A 5 -3.55 -8.86 -26.96
CA GLU A 5 -4.59 -8.19 -26.18
C GLU A 5 -5.14 -9.03 -25.03
N LEU A 6 -5.73 -8.35 -24.05
CA LEU A 6 -6.35 -8.99 -22.89
C LEU A 6 -7.67 -9.60 -23.34
N THR A 7 -8.05 -10.74 -22.76
CA THR A 7 -9.32 -11.38 -23.07
C THR A 7 -10.45 -10.52 -22.45
N PRO A 8 -11.72 -10.61 -22.92
CA PRO A 8 -12.78 -9.80 -22.30
C PRO A 8 -12.87 -10.01 -20.78
N ASP A 9 -12.61 -11.24 -20.30
CA ASP A 9 -12.59 -11.59 -18.87
C ASP A 9 -11.47 -10.88 -18.13
N GLN A 10 -10.29 -10.79 -18.74
CA GLN A 10 -9.14 -10.11 -18.13
C GLN A 10 -9.38 -8.60 -18.10
N GLN A 11 -9.98 -8.04 -19.17
CA GLN A 11 -10.33 -6.62 -19.28
C GLN A 11 -11.33 -6.24 -18.20
N THR A 12 -12.30 -7.16 -17.93
CA THR A 12 -13.32 -6.96 -16.90
C THR A 12 -12.64 -6.94 -15.52
N LEU A 13 -11.77 -7.91 -15.24
CA LEU A 13 -11.05 -8.01 -13.98
C LEU A 13 -10.20 -6.74 -13.78
N LEU A 14 -9.45 -6.33 -14.81
CA LEU A 14 -8.61 -5.13 -14.72
C LEU A 14 -9.44 -3.90 -14.43
N HIS A 15 -10.60 -3.74 -15.11
CA HIS A 15 -11.49 -2.59 -14.91
CA HIS A 15 -11.49 -2.59 -14.91
C HIS A 15 -11.97 -2.47 -13.46
N PHE A 16 -12.35 -3.59 -12.84
CA PHE A 16 -12.80 -3.59 -11.44
C PHE A 16 -11.67 -3.12 -10.50
N ILE A 17 -10.43 -3.60 -10.74
CA ILE A 17 -9.29 -3.21 -9.89
CA ILE A 17 -9.25 -3.23 -9.94
C ILE A 17 -8.93 -1.74 -10.12
N MET A 18 -8.90 -1.29 -11.39
CA MET A 18 -8.62 0.10 -11.76
C MET A 18 -9.60 1.07 -11.14
N ASP A 19 -10.90 0.75 -11.26
CA ASP A 19 -11.99 1.56 -10.70
C ASP A 19 -11.85 1.73 -9.19
N SER A 20 -11.57 0.64 -8.48
CA SER A 20 -11.41 0.68 -7.03
C SER A 20 -10.15 1.47 -6.65
N TYR A 21 -9.06 1.28 -7.40
CA TYR A 21 -7.77 1.95 -7.16
C TYR A 21 -7.85 3.44 -7.37
N ASN A 22 -8.61 3.88 -8.39
CA ASN A 22 -8.75 5.30 -8.71
C ASN A 22 -9.66 6.07 -7.74
N LYS A 23 -10.29 5.38 -6.76
CA LYS A 23 -11.12 6.04 -5.74
C LYS A 23 -10.29 6.84 -4.72
N GLN A 24 -9.00 6.46 -4.51
CA GLN A 24 -8.11 7.17 -3.56
C GLN A 24 -7.94 8.63 -3.94
N ARG A 25 -8.13 9.51 -2.94
CA ARG A 25 -8.02 10.95 -3.07
C ARG A 25 -7.60 11.50 -1.70
N MET A 26 -6.38 12.08 -1.62
CA MET A 26 -5.84 12.66 -0.40
C MET A 26 -6.77 13.78 0.11
N PRO A 27 -7.34 13.64 1.34
CA PRO A 27 -8.26 14.67 1.83
C PRO A 27 -7.65 16.06 1.94
N GLN A 28 -8.47 17.09 1.69
CA GLN A 28 -8.08 18.49 1.71
C GLN A 28 -7.47 18.93 3.04
N GLU A 29 -8.02 18.45 4.18
CA GLU A 29 -7.53 18.80 5.51
C GLU A 29 -6.11 18.27 5.75
N ILE A 30 -5.73 17.11 5.14
CA ILE A 30 -4.39 16.57 5.26
C ILE A 30 -3.40 17.44 4.46
N THR A 31 -3.75 17.78 3.20
CA THR A 31 -2.93 18.62 2.31
C THR A 31 -2.71 20.00 2.92
N ASN A 32 -3.76 20.60 3.52
CA ASN A 32 -3.68 21.90 4.19
C ASN A 32 -2.75 21.88 5.41
N LYS A 33 -2.72 20.75 6.16
CA LYS A 33 -1.86 20.56 7.34
C LYS A 33 -0.39 20.50 6.92
N ILE A 34 -0.09 19.82 5.78
CA ILE A 34 1.28 19.71 5.22
C ILE A 34 1.83 21.11 4.88
N LEU A 35 0.95 22.00 4.40
CA LEU A 35 1.31 23.37 4.09
C LEU A 35 1.38 24.29 5.33
N LYS A 36 0.34 24.28 6.19
CA LYS A 36 0.15 25.22 7.31
C LYS A 36 0.81 24.91 8.66
N GLU A 37 0.75 23.65 9.14
CA GLU A 37 1.25 23.31 10.49
C GLU A 37 2.71 23.67 10.77
N ALA A 38 3.02 23.92 12.05
CA ALA A 38 4.36 24.25 12.54
C ALA A 38 5.35 23.14 12.15
N PHE A 39 6.59 23.51 11.85
CA PHE A 39 7.63 22.58 11.44
C PHE A 39 8.40 22.03 12.65
N SER A 40 7.69 21.29 13.50
CA SER A 40 8.28 20.69 14.69
C SER A 40 8.14 19.18 14.61
N ALA A 41 9.05 18.44 15.26
CA ALA A 41 9.04 16.97 15.30
C ALA A 41 7.67 16.43 15.71
N GLU A 42 7.04 17.06 16.72
CA GLU A 42 5.73 16.72 17.27
C GLU A 42 4.61 16.94 16.24
N GLU A 43 4.54 18.13 15.61
CA GLU A 43 3.51 18.47 14.61
C GLU A 43 3.69 17.65 13.33
N ASN A 44 4.96 17.42 12.92
CA ASN A 44 5.27 16.64 11.72
C ASN A 44 4.85 15.18 11.91
N PHE A 45 5.16 14.58 13.08
CA PHE A 45 4.81 13.20 13.41
C PHE A 45 3.29 12.98 13.47
N LEU A 46 2.53 13.99 13.99
CA LEU A 46 1.08 13.93 14.10
CA LEU A 46 1.08 13.91 14.08
C LEU A 46 0.44 13.89 12.70
N ILE A 47 1.02 14.67 11.74
CA ILE A 47 0.53 14.72 10.36
C ILE A 47 0.68 13.34 9.74
N LEU A 48 1.85 12.72 9.93
CA LEU A 48 2.21 11.40 9.40
C LEU A 48 1.37 10.28 9.97
N THR A 49 1.06 10.35 11.27
CA THR A 49 0.20 9.39 11.96
C THR A 49 -1.20 9.48 11.32
N GLU A 50 -1.68 10.72 11.06
CA GLU A 50 -2.98 10.91 10.43
C GLU A 50 -3.00 10.33 9.02
N MET A 51 -1.89 10.49 8.27
CA MET A 51 -1.75 9.95 6.91
C MET A 51 -1.75 8.43 6.93
N ALA A 52 -0.99 7.84 7.86
CA ALA A 52 -0.89 6.40 8.06
C ALA A 52 -2.27 5.80 8.39
N THR A 53 -3.05 6.48 9.26
CA THR A 53 -4.39 6.05 9.68
C THR A 53 -5.35 6.13 8.49
N ASN A 54 -5.27 7.22 7.72
CA ASN A 54 -6.07 7.45 6.51
C ASN A 54 -5.81 6.35 5.47
N HIS A 55 -4.54 5.89 5.36
CA HIS A 55 -4.20 4.81 4.43
C HIS A 55 -4.90 3.49 4.78
N VAL A 56 -5.05 3.17 6.08
CA VAL A 56 -5.72 1.93 6.51
C VAL A 56 -7.18 1.91 5.99
N GLN A 57 -7.88 3.07 6.05
CA GLN A 57 -9.26 3.19 5.56
C GLN A 57 -9.30 3.07 4.02
N VAL A 58 -8.32 3.67 3.32
CA VAL A 58 -8.18 3.59 1.85
C VAL A 58 -7.96 2.13 1.44
N LEU A 59 -7.03 1.45 2.14
CA LEU A 59 -6.70 0.05 1.89
C LEU A 59 -7.94 -0.83 2.02
N VAL A 60 -8.69 -0.70 3.13
CA VAL A 60 -9.88 -1.54 3.35
C VAL A 60 -10.90 -1.34 2.23
N GLU A 61 -11.19 -0.07 1.86
CA GLU A 61 -12.17 0.28 0.82
C GLU A 61 -11.76 -0.22 -0.54
N PHE A 62 -10.45 -0.19 -0.83
CA PHE A 62 -9.93 -0.70 -2.09
C PHE A 62 -10.09 -2.20 -2.13
N THR A 63 -9.66 -2.86 -1.06
CA THR A 63 -9.65 -4.32 -0.91
C THR A 63 -11.05 -4.91 -1.06
N LYS A 64 -12.06 -4.31 -0.42
CA LYS A 64 -13.45 -4.77 -0.46
C LYS A 64 -14.01 -4.92 -1.87
N LYS A 65 -13.53 -4.09 -2.82
CA LYS A 65 -13.98 -4.10 -4.21
C LYS A 65 -13.15 -5.01 -5.13
N LEU A 66 -12.06 -5.61 -4.59
CA LEU A 66 -11.22 -6.54 -5.35
C LEU A 66 -12.04 -7.77 -5.70
N PRO A 67 -12.14 -8.14 -7.00
CA PRO A 67 -12.97 -9.29 -7.38
C PRO A 67 -12.65 -10.56 -6.60
N GLY A 68 -13.67 -11.08 -5.92
CA GLY A 68 -13.59 -12.30 -5.12
C GLY A 68 -13.22 -12.12 -3.67
N PHE A 69 -12.67 -10.95 -3.28
CA PHE A 69 -12.26 -10.73 -1.88
C PHE A 69 -13.37 -11.04 -0.88
N GLN A 70 -14.59 -10.56 -1.15
CA GLN A 70 -15.79 -10.74 -0.33
C GLN A 70 -16.24 -12.20 -0.23
N THR A 71 -15.80 -13.06 -1.17
CA THR A 71 -16.15 -14.48 -1.19
C THR A 71 -15.30 -15.29 -0.19
N LEU A 72 -14.16 -14.72 0.26
CA LEU A 72 -13.27 -15.39 1.21
C LEU A 72 -13.87 -15.46 2.62
N ASP A 73 -13.44 -16.46 3.42
CA ASP A 73 -13.82 -16.64 4.83
C ASP A 73 -13.50 -15.32 5.54
N HIS A 74 -14.42 -14.85 6.39
CA HIS A 74 -14.26 -13.56 7.09
C HIS A 74 -12.94 -13.39 7.85
N GLU A 75 -12.47 -14.44 8.53
CA GLU A 75 -11.22 -14.39 9.28
C GLU A 75 -10.02 -14.29 8.33
N ASP A 76 -10.12 -14.89 7.13
CA ASP A 76 -9.05 -14.81 6.15
C ASP A 76 -8.97 -13.41 5.51
N GLN A 77 -10.11 -12.71 5.43
CA GLN A 77 -10.15 -11.33 4.91
C GLN A 77 -9.34 -10.41 5.83
N ILE A 78 -9.53 -10.57 7.16
CA ILE A 78 -8.84 -9.83 8.21
CA ILE A 78 -8.82 -9.80 8.18
C ILE A 78 -7.33 -10.12 8.14
N ALA A 79 -6.97 -11.42 8.11
CA ALA A 79 -5.58 -11.89 8.02
C ALA A 79 -4.87 -11.26 6.81
N LEU A 80 -5.53 -11.21 5.64
CA LEU A 80 -4.95 -10.60 4.42
C LEU A 80 -4.74 -9.12 4.60
N LEU A 81 -5.72 -8.42 5.18
CA LEU A 81 -5.63 -6.98 5.42
C LEU A 81 -4.49 -6.69 6.37
N LYS A 82 -4.42 -7.44 7.47
CA LYS A 82 -3.36 -7.24 8.44
C LYS A 82 -1.97 -7.58 7.88
N GLY A 83 -1.88 -8.65 7.09
CA GLY A 83 -0.60 -9.07 6.52
C GLY A 83 -0.07 -8.21 5.39
N SER A 84 -0.94 -7.44 4.73
CA SER A 84 -0.57 -6.60 3.60
C SER A 84 -0.50 -5.10 3.89
N ALA A 85 -1.00 -4.66 5.08
CA ALA A 85 -1.12 -3.25 5.48
C ALA A 85 0.13 -2.40 5.27
N VAL A 86 1.29 -2.86 5.78
CA VAL A 86 2.58 -2.18 5.65
C VAL A 86 3.02 -2.12 4.20
N GLU A 87 3.03 -3.28 3.51
CA GLU A 87 3.43 -3.40 2.11
C GLU A 87 2.59 -2.50 1.18
N ALA A 88 1.24 -2.53 1.32
CA ALA A 88 0.33 -1.71 0.51
C ALA A 88 0.58 -0.21 0.77
N MET A 89 0.83 0.15 2.04
CA MET A 89 1.12 1.54 2.44
C MET A 89 2.34 2.07 1.72
N PHE A 90 3.48 1.34 1.76
CA PHE A 90 4.70 1.80 1.09
C PHE A 90 4.54 1.88 -0.41
N LEU A 91 3.78 0.95 -1.00
CA LEU A 91 3.53 0.97 -2.44
C LEU A 91 2.69 2.16 -2.85
N ARG A 92 1.59 2.44 -2.13
CA ARG A 92 0.72 3.61 -2.40
C ARG A 92 1.53 4.88 -2.18
N SER A 93 2.40 4.89 -1.13
CA SER A 93 3.26 6.02 -0.81
CA SER A 93 3.29 6.00 -0.80
C SER A 93 4.27 6.33 -1.92
N ALA A 94 4.80 5.28 -2.57
CA ALA A 94 5.75 5.38 -3.67
C ALA A 94 5.06 5.98 -4.89
N GLU A 95 3.80 5.56 -5.15
CA GLU A 95 3.03 6.09 -6.27
C GLU A 95 2.78 7.59 -6.08
N ILE A 96 2.22 7.96 -4.91
CA ILE A 96 1.92 9.35 -4.55
C ILE A 96 3.16 10.24 -4.65
N PHE A 97 4.29 9.80 -4.05
CA PHE A 97 5.55 10.54 -4.05
C PHE A 97 6.12 10.78 -5.46
N ASN A 98 5.93 9.82 -6.38
CA ASN A 98 6.42 9.88 -7.76
C ASN A 98 5.42 10.45 -8.77
N LYS A 99 4.14 10.62 -8.38
CA LYS A 99 3.14 11.06 -9.35
C LYS A 99 2.16 12.13 -8.87
N LYS A 100 1.27 11.77 -7.93
CA LYS A 100 0.14 12.57 -7.44
C LYS A 100 0.48 13.91 -6.76
N LEU A 101 1.39 13.94 -5.76
CA LEU A 101 1.69 15.19 -5.07
C LEU A 101 2.53 16.19 -5.90
N PRO A 102 2.17 17.50 -5.87
CA PRO A 102 2.97 18.49 -6.61
C PRO A 102 4.37 18.67 -6.00
N SER A 103 5.37 19.03 -6.84
CA SER A 103 6.79 19.20 -6.47
C SER A 103 7.04 20.03 -5.20
N GLY A 104 6.22 21.06 -4.98
CA GLY A 104 6.31 21.94 -3.81
C GLY A 104 5.84 21.29 -2.53
N HIS A 105 4.65 20.66 -2.56
CA HIS A 105 4.04 19.96 -1.43
C HIS A 105 4.75 18.66 -1.10
N SER A 106 5.30 17.98 -2.13
CA SER A 106 6.08 16.75 -1.96
C SER A 106 7.34 17.07 -1.20
N ASP A 107 7.94 18.25 -1.48
CA ASP A 107 9.14 18.78 -0.84
C ASP A 107 8.90 19.07 0.64
N LEU A 108 7.74 19.68 0.99
CA LEU A 108 7.38 19.96 2.38
C LEU A 108 7.04 18.68 3.11
N LEU A 109 6.37 17.73 2.42
CA LEU A 109 6.04 16.43 3.01
C LEU A 109 7.32 15.65 3.28
N GLU A 110 8.30 15.68 2.35
CA GLU A 110 9.59 15.01 2.53
C GLU A 110 10.33 15.67 3.71
N ALA A 111 10.28 17.03 3.79
CA ALA A 111 10.88 17.80 4.88
C ALA A 111 10.26 17.39 6.22
N ARG A 112 8.91 17.23 6.24
CA ARG A 112 8.19 16.83 7.45
C ARG A 112 8.57 15.42 7.88
N ILE A 113 8.63 14.47 6.92
CA ILE A 113 9.03 13.07 7.16
C ILE A 113 10.45 13.05 7.74
N ARG A 114 11.39 13.74 7.08
CA ARG A 114 12.80 13.82 7.51
C ARG A 114 13.02 14.62 8.83
N ASN A 115 11.99 15.34 9.33
CA ASN A 115 12.06 16.09 10.59
C ASN A 115 10.87 15.74 11.51
N SER A 116 10.62 14.44 11.69
CA SER A 116 9.51 13.93 12.48
C SER A 116 9.93 13.18 13.75
N GLY A 117 11.24 12.96 13.88
CA GLY A 117 11.81 12.25 15.01
C GLY A 117 12.15 10.80 14.68
N ILE A 118 11.75 10.34 13.48
CA ILE A 118 11.98 8.97 12.99
C ILE A 118 13.46 8.78 12.61
N SER A 119 14.04 7.64 12.99
CA SER A 119 15.43 7.26 12.73
C SER A 119 15.73 7.15 11.22
N ASP A 120 16.99 7.43 10.83
CA ASP A 120 17.45 7.32 9.44
C ASP A 120 17.44 5.87 8.95
N GLU A 121 17.49 4.89 9.89
CA GLU A 121 17.46 3.45 9.63
C GLU A 121 16.15 3.06 8.90
N TYR A 122 15.09 3.88 9.08
CA TYR A 122 13.79 3.65 8.46
C TYR A 122 13.50 4.61 7.30
N ILE A 123 13.98 5.88 7.41
CA ILE A 123 13.79 6.92 6.39
C ILE A 123 14.60 6.62 5.11
N THR A 124 15.87 6.15 5.26
CA THR A 124 16.75 5.83 4.13
C THR A 124 16.17 4.69 3.23
N PRO A 125 15.83 3.45 3.70
CA PRO A 125 15.24 2.46 2.78
C PRO A 125 13.88 2.89 2.19
N MET A 126 13.15 3.77 2.89
CA MET A 126 11.86 4.30 2.45
C MET A 126 12.04 5.11 1.14
N PHE A 127 12.92 6.13 1.16
CA PHE A 127 13.19 6.96 -0.02
C PHE A 127 13.97 6.22 -1.11
N SER A 128 14.76 5.21 -0.71
CA SER A 128 15.52 4.34 -1.61
C SER A 128 14.51 3.57 -2.44
N PHE A 129 13.45 3.04 -1.79
CA PHE A 129 12.39 2.33 -2.47
C PHE A 129 11.57 3.25 -3.41
N TYR A 130 11.26 4.50 -2.97
CA TYR A 130 10.50 5.45 -3.82
C TYR A 130 11.23 5.73 -5.12
N LYS A 131 12.56 5.97 -5.04
CA LYS A 131 13.46 6.23 -6.17
C LYS A 131 13.47 5.01 -7.09
N SER A 132 13.64 3.81 -6.52
CA SER A 132 13.68 2.53 -7.25
C SER A 132 12.35 2.26 -8.00
N ILE A 133 11.20 2.61 -7.38
CA ILE A 133 9.87 2.51 -7.99
C ILE A 133 9.78 3.52 -9.14
N GLY A 134 10.25 4.74 -8.87
CA GLY A 134 10.25 5.83 -9.84
C GLY A 134 10.94 5.49 -11.14
N GLU A 135 12.04 4.72 -11.05
CA GLU A 135 12.87 4.27 -12.18
C GLU A 135 12.08 3.43 -13.18
N LEU A 136 11.16 2.59 -12.67
CA LEU A 136 10.35 1.70 -13.49
C LEU A 136 9.26 2.40 -14.31
N LYS A 137 8.95 3.69 -14.00
CA LYS A 137 7.94 4.51 -14.68
C LYS A 137 6.64 3.71 -14.85
N MET A 138 6.15 3.18 -13.73
CA MET A 138 4.95 2.35 -13.64
CA MET A 138 4.97 2.34 -13.69
C MET A 138 3.71 3.06 -14.11
N THR A 139 2.83 2.34 -14.81
CA THR A 139 1.56 2.87 -15.26
C THR A 139 0.59 2.72 -14.09
N GLN A 140 -0.57 3.36 -14.18
CA GLN A 140 -1.62 3.25 -13.17
C GLN A 140 -2.14 1.80 -13.08
N GLU A 141 -2.20 1.08 -14.22
CA GLU A 141 -2.63 -0.34 -14.27
C GLU A 141 -1.63 -1.18 -13.50
N GLU A 142 -0.33 -0.88 -13.64
CA GLU A 142 0.73 -1.59 -12.93
C GLU A 142 0.72 -1.36 -11.42
N TYR A 143 0.50 -0.12 -10.96
CA TYR A 143 0.39 0.16 -9.52
C TYR A 143 -0.84 -0.54 -8.94
N ALA A 144 -1.97 -0.50 -9.66
CA ALA A 144 -3.24 -1.10 -9.22
C ALA A 144 -3.13 -2.63 -9.10
N LEU A 145 -2.59 -3.28 -10.13
CA LEU A 145 -2.38 -4.71 -10.15
C LEU A 145 -1.40 -5.15 -9.10
N LEU A 146 -0.25 -4.43 -8.94
CA LEU A 146 0.75 -4.79 -7.94
CA LEU A 146 0.75 -4.80 -7.94
C LEU A 146 0.16 -4.71 -6.55
N THR A 147 -0.67 -3.68 -6.29
CA THR A 147 -1.35 -3.49 -5.00
C THR A 147 -2.29 -4.67 -4.71
N ALA A 148 -3.13 -5.07 -5.72
CA ALA A 148 -4.05 -6.21 -5.59
C ALA A 148 -3.24 -7.52 -5.31
N ILE A 149 -2.10 -7.71 -6.02
CA ILE A 149 -1.21 -8.88 -5.87
C ILE A 149 -0.66 -8.96 -4.45
N VAL A 150 -0.23 -7.79 -3.91
CA VAL A 150 0.34 -7.64 -2.56
C VAL A 150 -0.72 -8.06 -1.51
N ILE A 151 -1.96 -7.57 -1.67
CA ILE A 151 -3.07 -7.85 -0.73
C ILE A 151 -3.54 -9.30 -0.83
N LEU A 152 -3.65 -9.83 -2.04
CA LEU A 152 -4.10 -11.21 -2.20
C LEU A 152 -2.93 -12.18 -2.17
N SER A 153 -2.02 -12.02 -1.18
CA SER A 153 -0.87 -12.90 -1.00
C SER A 153 -1.29 -14.14 -0.22
N PRO A 154 -1.18 -15.34 -0.82
CA PRO A 154 -1.65 -16.56 -0.12
C PRO A 154 -0.81 -17.05 1.05
N ASP A 155 0.45 -16.57 1.19
CA ASP A 155 1.35 -17.02 2.23
C ASP A 155 1.34 -16.16 3.52
N ARG A 156 0.35 -15.26 3.69
CA ARG A 156 0.27 -14.46 4.92
C ARG A 156 -0.06 -15.37 6.09
N GLN A 157 0.47 -15.02 7.27
CA GLN A 157 0.22 -15.73 8.51
C GLN A 157 -1.28 -15.74 8.83
N TYR A 158 -1.72 -16.82 9.48
CA TYR A 158 -3.09 -17.06 9.97
C TYR A 158 -4.17 -17.21 8.87
N ILE A 159 -3.79 -17.51 7.60
CA ILE A 159 -4.77 -17.78 6.55
C ILE A 159 -5.14 -19.26 6.68
N LYS A 160 -6.46 -19.56 6.79
CA LYS A 160 -6.98 -20.92 6.92
CA LYS A 160 -6.95 -20.93 6.92
C LYS A 160 -7.17 -21.62 5.56
N ASP A 161 -7.60 -20.87 4.53
CA ASP A 161 -7.82 -21.42 3.19
C ASP A 161 -6.92 -20.69 2.19
N ARG A 162 -5.71 -21.21 1.99
CA ARG A 162 -4.73 -20.60 1.11
C ARG A 162 -5.05 -20.78 -0.36
N GLU A 163 -5.59 -21.96 -0.73
CA GLU A 163 -6.00 -22.31 -2.10
C GLU A 163 -7.02 -21.30 -2.62
N ALA A 164 -7.95 -20.84 -1.75
CA ALA A 164 -8.95 -19.86 -2.12
C ALA A 164 -8.30 -18.53 -2.50
N VAL A 165 -7.22 -18.13 -1.79
CA VAL A 165 -6.49 -16.90 -2.08
C VAL A 165 -5.63 -17.04 -3.34
N GLU A 166 -5.01 -18.22 -3.55
CA GLU A 166 -4.20 -18.47 -4.77
C GLU A 166 -5.05 -18.33 -6.03
N LYS A 167 -6.33 -18.75 -5.96
CA LYS A 167 -7.28 -18.68 -7.08
C LYS A 167 -7.60 -17.24 -7.45
N LEU A 168 -7.48 -16.31 -6.48
CA LEU A 168 -7.71 -14.88 -6.75
C LEU A 168 -6.43 -14.19 -7.19
N GLN A 169 -5.27 -14.59 -6.64
CA GLN A 169 -4.00 -13.94 -7.00
C GLN A 169 -3.46 -14.34 -8.36
N GLU A 170 -3.57 -15.64 -8.73
CA GLU A 170 -3.01 -16.12 -10.00
C GLU A 170 -3.55 -15.37 -11.24
N PRO A 171 -4.88 -15.10 -11.42
CA PRO A 171 -5.29 -14.33 -12.62
C PRO A 171 -4.77 -12.90 -12.68
N LEU A 172 -4.40 -12.29 -11.52
CA LEU A 172 -3.84 -10.92 -11.48
C LEU A 172 -2.40 -10.93 -11.99
N LEU A 173 -1.63 -11.95 -11.60
CA LEU A 173 -0.26 -12.13 -12.06
C LEU A 173 -0.28 -12.39 -13.57
N ASP A 174 -1.29 -13.15 -14.07
CA ASP A 174 -1.42 -13.43 -15.50
C ASP A 174 -1.70 -12.15 -16.28
N VAL A 175 -2.64 -11.30 -15.80
CA VAL A 175 -2.97 -10.01 -16.43
C VAL A 175 -1.75 -9.07 -16.44
N LEU A 176 -1.04 -8.98 -15.30
CA LEU A 176 0.13 -8.11 -15.18
C LEU A 176 1.24 -8.51 -16.15
N GLN A 177 1.53 -9.81 -16.26
CA GLN A 177 2.56 -10.30 -17.18
C GLN A 177 2.12 -10.02 -18.64
N LYS A 178 0.84 -10.19 -18.93
CA LYS A 178 0.29 -9.93 -20.27
C LYS A 178 0.43 -8.44 -20.64
N LEU A 179 0.14 -7.54 -19.68
CA LEU A 179 0.27 -6.09 -19.87
C LEU A 179 1.72 -5.70 -20.14
N CYS A 180 2.69 -6.43 -19.54
CA CYS A 180 4.11 -6.17 -19.79
C CYS A 180 4.47 -6.56 -21.22
N LYS A 181 3.88 -7.66 -21.73
CA LYS A 181 4.14 -8.16 -23.08
C LYS A 181 3.50 -7.27 -24.15
N ILE A 182 2.34 -6.68 -23.85
CA ILE A 182 1.62 -5.79 -24.78
C ILE A 182 2.32 -4.41 -24.83
N HIS A 183 2.56 -3.79 -23.67
CA HIS A 183 3.09 -2.42 -23.58
C HIS A 183 4.62 -2.29 -23.57
N GLN A 184 5.37 -3.33 -23.16
CA GLN A 184 6.84 -3.31 -23.16
C GLN A 184 7.37 -4.51 -23.99
N PRO A 185 6.98 -4.70 -25.29
CA PRO A 185 7.45 -5.88 -26.03
C PRO A 185 8.95 -5.90 -26.35
N GLU A 186 9.65 -4.76 -26.20
CA GLU A 186 11.08 -4.65 -26.44
C GLU A 186 11.88 -4.98 -25.17
N ASN A 187 11.25 -4.87 -23.99
CA ASN A 187 11.88 -5.17 -22.71
C ASN A 187 11.28 -6.45 -22.11
N PRO A 188 11.84 -7.64 -22.39
CA PRO A 188 11.27 -8.88 -21.81
C PRO A 188 11.46 -9.02 -20.29
N GLN A 189 12.34 -8.19 -19.70
CA GLN A 189 12.63 -8.19 -18.26
C GLN A 189 11.73 -7.24 -17.44
N HIS A 190 10.75 -6.57 -18.10
CA HIS A 190 9.86 -5.63 -17.43
C HIS A 190 9.06 -6.28 -16.29
N PHE A 191 8.49 -7.47 -16.54
CA PHE A 191 7.74 -8.21 -15.53
C PHE A 191 8.66 -8.60 -14.35
N ALA A 192 9.91 -9.03 -14.65
CA ALA A 192 10.94 -9.39 -13.67
C ALA A 192 11.28 -8.21 -12.74
N CYS A 193 11.31 -6.98 -13.30
CA CYS A 193 11.55 -5.75 -12.53
C CYS A 193 10.41 -5.50 -11.54
N LEU A 194 9.15 -5.74 -11.97
CA LEU A 194 7.95 -5.60 -11.14
C LEU A 194 7.97 -6.61 -9.99
N LEU A 195 8.43 -7.85 -10.26
CA LEU A 195 8.56 -8.88 -9.23
C LEU A 195 9.59 -8.48 -8.16
N GLY A 196 10.63 -7.76 -8.60
CA GLY A 196 11.68 -7.22 -7.76
C GLY A 196 11.13 -6.29 -6.69
N ARG A 197 10.04 -5.58 -7.02
CA ARG A 197 9.35 -4.66 -6.10
C ARG A 197 8.55 -5.42 -5.07
N LEU A 198 8.02 -6.62 -5.41
CA LEU A 198 7.28 -7.45 -4.45
C LEU A 198 8.19 -7.91 -3.32
N THR A 199 9.43 -8.34 -3.67
CA THR A 199 10.41 -8.79 -2.68
C THR A 199 10.97 -7.59 -1.91
N GLU A 200 11.21 -6.43 -2.58
CA GLU A 200 11.68 -5.20 -1.93
C GLU A 200 10.66 -4.70 -0.88
N LEU A 201 9.35 -4.78 -1.21
CA LEU A 201 8.24 -4.40 -0.31
C LEU A 201 8.19 -5.25 0.94
N ARG A 202 8.53 -6.56 0.81
CA ARG A 202 8.52 -7.52 1.92
C ARG A 202 9.47 -7.10 3.02
N THR A 203 10.63 -6.50 2.65
CA THR A 203 11.64 -6.03 3.62
C THR A 203 11.08 -4.94 4.56
N PHE A 204 10.01 -4.25 4.16
CA PHE A 204 9.43 -3.19 4.97
C PHE A 204 8.66 -3.70 6.18
N ASN A 205 8.30 -5.00 6.22
CA ASN A 205 7.57 -5.54 7.37
C ASN A 205 8.41 -5.52 8.62
N HIS A 206 9.70 -5.88 8.50
CA HIS A 206 10.68 -5.88 9.58
C HIS A 206 11.00 -4.43 9.99
N HIS A 207 11.42 -3.57 9.01
CA HIS A 207 11.76 -2.16 9.22
C HIS A 207 10.67 -1.42 10.00
N HIS A 208 9.40 -1.70 9.66
CA HIS A 208 8.24 -1.08 10.27
C HIS A 208 7.99 -1.62 11.69
N ALA A 209 8.11 -2.95 11.89
CA ALA A 209 7.91 -3.59 13.20
C ALA A 209 8.89 -3.03 14.23
N GLU A 210 10.16 -2.82 13.82
CA GLU A 210 11.23 -2.25 14.65
C GLU A 210 10.97 -0.78 14.97
N MET A 211 10.44 0.00 14.00
CA MET A 211 10.11 1.42 14.15
C MET A 211 9.11 1.63 15.30
N LEU A 212 8.06 0.79 15.35
CA LEU A 212 7.01 0.82 16.38
C LEU A 212 7.58 0.48 17.77
N MET A 213 8.53 -0.49 17.82
CA MET A 213 9.22 -0.95 19.03
C MET A 213 10.04 0.17 19.66
N SER A 214 10.61 1.06 18.82
CA SER A 214 11.41 2.23 19.22
C SER A 214 10.56 3.30 19.91
N TRP A 215 9.23 3.22 19.76
CA TRP A 215 8.28 4.18 20.33
C TRP A 215 7.85 3.77 21.74
N ARG A 216 7.91 4.72 22.68
CA ARG A 216 7.53 4.53 24.08
C ARG A 216 6.45 5.53 24.52
N VAL A 217 5.67 5.17 25.58
CA VAL A 217 4.57 5.95 26.16
C VAL A 217 5.00 7.38 26.56
N ASN A 218 6.22 7.52 27.12
CA ASN A 218 6.80 8.82 27.54
C ASN A 218 7.05 9.76 26.35
N ASP A 219 7.28 9.21 25.15
CA ASP A 219 7.52 9.94 23.92
C ASP A 219 6.21 10.30 23.19
N HIS A 220 6.24 11.39 22.40
CA HIS A 220 5.10 11.87 21.60
C HIS A 220 4.78 10.93 20.42
N LYS A 221 5.70 9.98 20.13
CA LYS A 221 5.58 9.04 19.01
C LYS A 221 4.64 7.84 19.28
N PHE A 222 4.22 7.59 20.53
CA PHE A 222 3.32 6.46 20.85
C PHE A 222 1.92 6.63 20.24
N THR A 223 1.58 5.72 19.29
CA THR A 223 0.31 5.70 18.55
C THR A 223 -0.52 4.45 18.91
N PRO A 224 -1.37 4.50 19.98
CA PRO A 224 -2.12 3.29 20.39
C PRO A 224 -2.95 2.61 19.29
N LEU A 225 -3.75 3.37 18.51
CA LEU A 225 -4.58 2.83 17.42
C LEU A 225 -3.77 2.05 16.38
N LEU A 226 -2.72 2.68 15.82
CA LEU A 226 -1.89 2.09 14.79
C LEU A 226 -1.15 0.83 15.26
N CYS A 227 -0.66 0.83 16.53
CA CYS A 227 0.04 -0.31 17.14
C CYS A 227 -0.86 -1.55 17.28
N GLU A 228 -2.20 -1.36 17.32
CA GLU A 228 -3.18 -2.44 17.39
C GLU A 228 -3.35 -3.07 16.00
N ILE A 229 -3.33 -2.24 14.94
CA ILE A 229 -3.46 -2.70 13.55
C ILE A 229 -2.17 -3.35 13.04
N TRP A 230 -1.02 -2.97 13.61
CA TRP A 230 0.29 -3.48 13.20
C TRP A 230 0.96 -4.38 14.24
N ASP A 231 0.96 -5.70 13.99
CA ASP A 231 1.58 -6.74 14.83
C ASP A 231 2.05 -7.91 13.96
N ASP B 2 -10.11 -8.24 19.68
CA ASP B 2 -9.01 -8.28 18.71
C ASP B 2 -9.44 -7.92 17.29
N HIS B 3 -8.58 -7.17 16.55
CA HIS B 3 -8.77 -6.69 15.17
C HIS B 3 -10.10 -5.91 15.01
N GLN B 4 -10.53 -5.21 16.07
CA GLN B 4 -11.80 -4.49 16.14
C GLN B 4 -11.97 -3.40 15.09
N LEU B 5 -10.89 -2.62 14.80
CA LEU B 5 -10.98 -1.56 13.79
C LEU B 5 -11.12 -2.16 12.39
N LEU B 6 -10.19 -3.06 11.99
CA LEU B 6 -10.22 -3.73 10.69
C LEU B 6 -11.57 -4.41 10.47
N ARG B 7 -12.10 -5.10 11.51
CA ARG B 7 -13.40 -5.78 11.46
C ARG B 7 -14.52 -4.78 11.15
N TYR B 8 -14.55 -3.63 11.87
CA TYR B 8 -15.58 -2.61 11.68
C TYR B 8 -15.55 -2.03 10.25
N LEU B 9 -14.36 -1.63 9.76
CA LEU B 9 -14.18 -1.06 8.43
C LEU B 9 -14.58 -2.03 7.32
N LEU B 10 -14.27 -3.32 7.51
CA LEU B 10 -14.60 -4.34 6.54
C LEU B 10 -16.11 -4.64 6.52
N ASP B 11 -16.72 -4.70 7.72
CA ASP B 11 -18.13 -5.06 7.85
C ASP B 11 -19.09 -3.87 7.94
N LYS B 12 -18.83 -2.81 7.16
CA LYS B 12 -19.73 -1.65 7.10
C LYS B 12 -20.37 -1.52 5.70
N ASP B 13 -20.39 -0.30 5.13
CA ASP B 13 -20.96 0.07 3.83
C ASP B 13 -20.32 -0.73 2.68
#